data_7AHT
#
_entry.id   7AHT
#
_cell.length_a   48.524
_cell.length_b   48.524
_cell.length_c   66.730
_cell.angle_alpha   90.000
_cell.angle_beta   90.000
_cell.angle_gamma   90.000
#
_symmetry.space_group_name_H-M   'P 43'
#
_entity_poly.entity_id   1
_entity_poly.type   'polypeptide(L)'
_entity_poly.pdbx_seq_one_letter_code
;GSGLNIKENDLPGIGKKFEIETRSHEKMTIIIHDDGRREIYRFNDRDPDELLSNISLDDSEARQIAAILGG
;
_entity_poly.pdbx_strand_id   A,B
#
# COMPACT_ATOMS: atom_id res chain seq x y z
N GLY A 3 -5.46 -15.52 -3.26
CA GLY A 3 -4.76 -16.49 -2.43
C GLY A 3 -3.61 -15.89 -1.64
N LEU A 4 -3.91 -14.86 -0.86
CA LEU A 4 -2.89 -14.14 -0.11
C LEU A 4 -2.40 -14.90 1.13
N ASN A 5 -1.09 -15.00 1.27
CA ASN A 5 -0.47 -15.52 2.48
C ASN A 5 -0.05 -14.40 3.43
N ILE A 6 -0.73 -14.30 4.57
CA ILE A 6 -0.44 -13.24 5.52
C ILE A 6 0.02 -13.79 6.87
N LYS A 7 1.17 -13.32 7.34
CA LYS A 7 1.66 -13.72 8.66
C LYS A 7 1.67 -12.51 9.60
N GLU A 8 0.91 -12.63 10.68
CA GLU A 8 0.79 -11.56 11.64
C GLU A 8 1.50 -11.90 12.95
N ASN A 9 2.28 -10.94 13.44
CA ASN A 9 2.98 -11.07 14.71
C ASN A 9 2.81 -9.80 15.53
N ASP A 10 2.64 -9.94 16.84
CA ASP A 10 2.60 -8.80 17.73
C ASP A 10 4.01 -8.32 18.07
N LEU A 11 4.21 -7.01 18.03
CA LEU A 11 5.49 -6.40 18.37
C LEU A 11 5.39 -5.69 19.71
N PRO A 12 5.95 -6.29 20.77
CA PRO A 12 5.90 -5.80 22.15
C PRO A 12 6.41 -4.37 22.28
N GLY A 13 5.49 -3.43 22.47
CA GLY A 13 5.85 -2.03 22.64
C GLY A 13 5.93 -1.25 21.35
N ILE A 14 5.56 -1.89 20.24
CA ILE A 14 5.60 -1.24 18.94
C ILE A 14 4.22 -1.24 18.28
N GLY A 15 3.69 -2.43 18.03
CA GLY A 15 2.39 -2.58 17.42
C GLY A 15 2.16 -3.96 16.84
N LYS A 16 1.96 -4.03 15.53
CA LYS A 16 1.77 -5.30 14.85
C LYS A 16 2.61 -5.41 13.59
N LYS A 17 2.99 -6.63 13.24
CA LYS A 17 3.76 -6.88 12.03
C LYS A 17 3.03 -7.81 11.08
N PHE A 18 2.85 -7.37 9.83
CA PHE A 18 2.20 -8.17 8.81
C PHE A 18 3.15 -8.46 7.65
N GLU A 19 3.49 -9.74 7.47
CA GLU A 19 4.28 -10.15 6.33
C GLU A 19 3.35 -10.74 5.26
N ILE A 20 3.36 -10.15 4.08
CA ILE A 20 2.40 -10.49 3.05
C ILE A 20 3.08 -11.00 1.78
N GLU A 21 2.56 -12.10 1.23
CA GLU A 21 3.00 -12.61 -0.05
C GLU A 21 1.78 -12.95 -0.91
N THR A 22 1.88 -12.67 -2.21
CA THR A 22 0.77 -12.91 -3.13
C THR A 22 0.98 -14.19 -3.91
N ARG A 23 0.01 -14.54 -4.75
CA ARG A 23 0.17 -15.66 -5.67
C ARG A 23 1.11 -15.23 -6.80
N SER A 24 1.19 -13.92 -7.00
CA SER A 24 2.14 -13.34 -7.94
C SER A 24 3.51 -13.23 -7.29
N HIS A 25 3.59 -13.71 -6.04
CA HIS A 25 4.83 -13.73 -5.26
C HIS A 25 5.45 -12.34 -5.06
N GLU A 26 4.70 -11.47 -4.39
CA GLU A 26 5.19 -10.15 -4.01
C GLU A 26 5.36 -10.11 -2.49
N LYS A 27 6.60 -9.98 -2.03
CA LYS A 27 6.87 -9.98 -0.59
C LYS A 27 7.03 -8.58 -0.03
N MET A 28 6.02 -8.14 0.73
CA MET A 28 6.08 -6.85 1.41
C MET A 28 5.83 -7.05 2.89
N THR A 29 6.21 -6.05 3.69
CA THR A 29 6.00 -6.10 5.13
C THR A 29 5.36 -4.81 5.62
N ILE A 30 4.27 -4.92 6.36
CA ILE A 30 3.57 -3.76 6.89
C ILE A 30 3.59 -3.72 8.42
N ILE A 31 4.24 -2.69 8.96
CA ILE A 31 4.27 -2.49 10.41
C ILE A 31 3.26 -1.44 10.82
N ILE A 32 2.33 -1.82 11.68
CA ILE A 32 1.35 -0.88 12.21
C ILE A 32 1.69 -0.55 13.65
N HIS A 33 2.24 0.64 13.87
CA HIS A 33 2.60 1.08 15.21
C HIS A 33 1.36 1.42 16.02
N ASP A 34 1.50 1.36 17.34
CA ASP A 34 0.40 1.71 18.24
C ASP A 34 0.11 3.20 18.20
N ASP A 35 1.09 4.00 17.79
CA ASP A 35 0.90 5.45 17.70
C ASP A 35 0.06 5.84 16.48
N GLY A 36 -0.10 4.92 15.54
CA GLY A 36 -0.89 5.15 14.35
C GLY A 36 -0.08 5.08 13.06
N ARG A 37 1.23 5.28 13.17
CA ARG A 37 2.10 5.26 11.99
C ARG A 37 2.12 3.89 11.30
N ARG A 38 2.11 3.93 9.96
CA ARG A 38 2.26 2.72 9.16
C ARG A 38 3.58 2.74 8.41
N GLU A 39 4.32 1.64 8.49
CA GLU A 39 5.58 1.50 7.77
C GLU A 39 5.46 0.32 6.80
N ILE A 40 5.72 0.57 5.52
CA ILE A 40 5.64 -0.48 4.51
C ILE A 40 7.01 -0.76 3.91
N TYR A 41 7.41 -2.03 3.94
CA TYR A 41 8.70 -2.44 3.42
C TYR A 41 8.57 -3.35 2.21
N ARG A 42 9.55 -3.27 1.31
CA ARG A 42 9.54 -4.09 0.11
C ARG A 42 10.94 -4.52 -0.28
N PHE A 43 11.16 -5.82 -0.34
CA PHE A 43 12.46 -6.39 -0.72
C PHE A 43 12.62 -6.37 -2.23
N ASN A 44 13.07 -5.23 -2.76
CA ASN A 44 13.25 -5.05 -4.19
C ASN A 44 14.26 -6.02 -4.80
N ASP A 49 19.82 -2.24 -6.57
CA ASP A 49 20.41 -0.99 -6.08
C ASP A 49 19.90 -0.68 -4.68
N GLU A 50 18.59 -0.63 -4.51
CA GLU A 50 17.98 -0.47 -3.19
C GLU A 50 17.29 -1.76 -2.78
N LEU A 51 17.95 -2.54 -1.91
CA LEU A 51 17.46 -3.86 -1.51
C LEU A 51 16.08 -3.77 -0.85
N LEU A 52 16.03 -3.06 0.28
CA LEU A 52 14.80 -2.97 1.05
C LEU A 52 14.29 -1.52 1.10
N SER A 53 13.35 -1.21 0.21
CA SER A 53 12.75 0.12 0.18
C SER A 53 11.74 0.27 1.31
N ASN A 54 11.52 1.51 1.75
CA ASN A 54 10.66 1.79 2.87
C ASN A 54 9.71 2.97 2.62
N ILE A 55 8.49 2.85 3.12
CA ILE A 55 7.49 3.91 3.00
C ILE A 55 6.85 4.20 4.35
N SER A 56 6.89 5.46 4.77
CA SER A 56 6.33 5.83 6.07
C SER A 56 5.05 6.66 5.96
N LEU A 57 4.04 6.27 6.73
CA LEU A 57 2.74 6.94 6.70
C LEU A 57 2.23 7.17 8.12
N ASP A 58 1.28 8.08 8.25
CA ASP A 58 0.54 8.23 9.51
C ASP A 58 -0.87 7.69 9.32
N ASP A 59 -1.65 7.67 10.39
CA ASP A 59 -2.99 7.07 10.39
C ASP A 59 -3.88 7.64 9.28
N SER A 60 -4.00 8.96 9.23
CA SER A 60 -4.84 9.62 8.23
C SER A 60 -4.42 9.27 6.81
N GLU A 61 -3.12 9.36 6.53
CA GLU A 61 -2.59 9.04 5.22
C GLU A 61 -2.83 7.59 4.86
N ALA A 62 -2.55 6.69 5.81
CA ALA A 62 -2.74 5.26 5.62
C ALA A 62 -4.19 4.93 5.28
N ARG A 63 -5.12 5.50 6.03
CA ARG A 63 -6.54 5.26 5.83
C ARG A 63 -7.02 5.75 4.46
N GLN A 64 -6.43 6.84 3.97
CA GLN A 64 -6.81 7.40 2.68
C GLN A 64 -6.32 6.53 1.53
N ILE A 65 -5.06 6.10 1.62
CA ILE A 65 -4.47 5.22 0.60
C ILE A 65 -5.24 3.91 0.55
N ALA A 66 -5.65 3.42 1.71
CA ALA A 66 -6.45 2.20 1.80
C ALA A 66 -7.77 2.39 1.07
N ALA A 67 -8.40 3.54 1.30
CA ALA A 67 -9.67 3.87 0.65
C ALA A 67 -9.50 3.93 -0.86
N ILE A 68 -8.31 4.31 -1.30
CA ILE A 68 -8.00 4.36 -2.73
C ILE A 68 -7.76 2.96 -3.27
N LEU A 69 -7.01 2.16 -2.52
CA LEU A 69 -6.71 0.79 -2.93
C LEU A 69 -7.90 -0.13 -2.77
N GLY A 70 -8.67 0.08 -1.70
CA GLY A 70 -9.79 -0.78 -1.37
C GLY A 70 -11.02 -0.58 -2.25
N GLY A 71 -10.91 0.35 -3.20
CA GLY A 71 -12.02 0.63 -4.10
C GLY A 71 -13.11 1.45 -3.44
N LEU B 4 -2.90 15.21 3.54
CA LEU B 4 -2.43 14.41 2.42
C LEU B 4 -2.84 15.04 1.09
N ASN B 5 -1.86 15.21 0.20
CA ASN B 5 -2.12 15.81 -1.11
C ASN B 5 -2.45 14.75 -2.16
N ILE B 6 -3.67 14.81 -2.69
CA ILE B 6 -4.13 13.82 -3.66
C ILE B 6 -4.64 14.45 -4.95
N LYS B 7 -4.05 14.06 -6.07
CA LYS B 7 -4.48 14.51 -7.39
C LYS B 7 -5.04 13.34 -8.20
N GLU B 8 -6.35 13.32 -8.40
CA GLU B 8 -7.00 12.24 -9.14
C GLU B 8 -7.34 12.63 -10.58
N ASN B 9 -6.95 11.78 -11.51
CA ASN B 9 -7.25 11.97 -12.91
C ASN B 9 -8.00 10.79 -13.53
N ASP B 10 -9.10 11.08 -14.18
CA ASP B 10 -9.84 10.07 -14.93
C ASP B 10 -9.15 9.80 -16.26
N LEU B 11 -8.73 8.55 -16.49
CA LEU B 11 -8.09 8.18 -17.74
C LEU B 11 -9.01 7.25 -18.53
N PRO B 12 -9.80 7.82 -19.46
CA PRO B 12 -10.80 7.07 -20.23
C PRO B 12 -10.18 5.91 -21.01
N GLY B 13 -10.60 4.69 -20.68
CA GLY B 13 -10.09 3.51 -21.36
C GLY B 13 -8.92 2.88 -20.65
N ILE B 14 -8.43 3.54 -19.60
CA ILE B 14 -7.31 3.03 -18.83
C ILE B 14 -7.69 2.83 -17.36
N GLY B 15 -8.46 3.78 -16.82
CA GLY B 15 -8.90 3.71 -15.45
C GLY B 15 -8.68 5.01 -14.71
N LYS B 16 -8.42 4.92 -13.40
CA LYS B 16 -8.14 6.09 -12.59
C LYS B 16 -6.67 6.19 -12.22
N LYS B 17 -6.22 7.40 -11.92
CA LYS B 17 -4.82 7.63 -11.54
C LYS B 17 -4.71 8.60 -10.36
N PHE B 18 -4.05 8.15 -9.30
CA PHE B 18 -3.87 8.96 -8.10
C PHE B 18 -2.41 9.31 -7.85
N GLU B 19 -2.10 10.60 -7.91
CA GLU B 19 -0.77 11.06 -7.57
C GLU B 19 -0.77 11.56 -6.12
N ILE B 20 0.02 10.90 -5.28
CA ILE B 20 -0.02 11.15 -3.86
C ILE B 20 1.34 11.55 -3.31
N GLU B 21 1.36 12.62 -2.52
CA GLU B 21 2.55 13.01 -1.79
C GLU B 21 2.24 13.00 -0.30
N THR B 22 3.10 12.34 0.47
CA THR B 22 2.91 12.21 1.91
C THR B 22 3.53 13.38 2.66
N ARG B 23 3.16 13.49 3.94
CA ARG B 23 3.74 14.52 4.81
C ARG B 23 5.20 14.22 5.10
N SER B 24 5.63 12.98 4.82
CA SER B 24 7.03 12.60 4.95
C SER B 24 7.74 12.78 3.61
N HIS B 25 7.11 13.54 2.71
CA HIS B 25 7.67 13.89 1.41
C HIS B 25 8.01 12.67 0.55
N GLU B 26 7.07 11.74 0.45
CA GLU B 26 7.26 10.56 -0.38
C GLU B 26 6.24 10.55 -1.51
N LYS B 27 6.73 10.58 -2.74
CA LYS B 27 5.85 10.65 -3.90
C LYS B 27 5.60 9.28 -4.53
N MET B 28 4.35 8.99 -4.83
CA MET B 28 3.99 7.73 -5.48
C MET B 28 2.77 7.88 -6.38
N THR B 29 2.62 6.96 -7.31
CA THR B 29 1.48 6.99 -8.23
C THR B 29 0.69 5.68 -8.17
N ILE B 30 -0.63 5.80 -8.06
CA ILE B 30 -1.52 4.65 -8.02
C ILE B 30 -2.49 4.68 -9.19
N ILE B 31 -2.46 3.62 -9.99
CA ILE B 31 -3.37 3.49 -11.13
C ILE B 31 -4.38 2.38 -10.91
N ILE B 32 -5.67 2.72 -10.96
CA ILE B 32 -6.73 1.74 -10.81
C ILE B 32 -7.34 1.41 -12.15
N HIS B 33 -6.84 0.35 -12.79
CA HIS B 33 -7.35 -0.08 -14.09
C HIS B 33 -8.79 -0.56 -13.96
N ASP B 34 -9.53 -0.49 -15.07
CA ASP B 34 -10.93 -0.88 -15.09
C ASP B 34 -11.12 -2.37 -14.85
N ASP B 35 -10.06 -3.15 -15.07
CA ASP B 35 -10.10 -4.59 -14.83
C ASP B 35 -9.78 -4.93 -13.38
N GLY B 36 -9.76 -3.91 -12.52
CA GLY B 36 -9.58 -4.10 -11.10
C GLY B 36 -8.13 -4.14 -10.66
N ARG B 37 -7.22 -4.27 -11.63
CA ARG B 37 -5.80 -4.35 -11.34
C ARG B 37 -5.26 -3.05 -10.74
N ARG B 38 -4.52 -3.19 -9.64
CA ARG B 38 -3.87 -2.05 -9.00
C ARG B 38 -2.40 -2.00 -9.42
N GLU B 39 -1.94 -0.81 -9.77
CA GLU B 39 -0.52 -0.61 -10.06
C GLU B 39 0.04 0.57 -9.27
N ILE B 40 1.05 0.30 -8.47
CA ILE B 40 1.62 1.31 -7.58
C ILE B 40 3.08 1.58 -7.93
N TYR B 41 3.36 2.82 -8.31
CA TYR B 41 4.71 3.22 -8.72
C TYR B 41 5.34 4.12 -7.67
N ARG B 42 6.68 4.11 -7.61
CA ARG B 42 7.40 4.92 -6.63
C ARG B 42 8.81 5.24 -7.14
N SER B 53 10.67 1.69 -9.49
CA SER B 53 9.97 0.87 -8.51
C SER B 53 8.50 0.72 -8.85
N ASN B 54 8.03 -0.51 -8.93
CA ASN B 54 6.64 -0.79 -9.31
C ASN B 54 6.12 -2.11 -8.74
N ILE B 55 4.87 -2.09 -8.28
CA ILE B 55 4.22 -3.29 -7.75
C ILE B 55 2.78 -3.38 -8.24
N SER B 56 2.39 -4.57 -8.71
CA SER B 56 1.06 -4.77 -9.27
C SER B 56 0.21 -5.74 -8.44
N LEU B 57 -1.03 -5.34 -8.18
CA LEU B 57 -1.98 -6.16 -7.43
C LEU B 57 -3.26 -6.35 -8.25
N ASP B 58 -4.03 -7.37 -7.92
CA ASP B 58 -5.35 -7.50 -8.51
C ASP B 58 -6.41 -7.04 -7.52
N ASP B 59 -7.67 -7.06 -7.95
CA ASP B 59 -8.78 -6.48 -7.20
C ASP B 59 -8.90 -7.02 -5.77
N SER B 60 -8.97 -8.34 -5.64
CA SER B 60 -9.14 -8.97 -4.33
C SER B 60 -7.95 -8.72 -3.40
N GLU B 61 -6.74 -8.85 -3.92
CA GLU B 61 -5.53 -8.69 -3.11
C GLU B 61 -5.42 -7.29 -2.54
N ALA B 62 -5.61 -6.29 -3.39
CA ALA B 62 -5.54 -4.89 -2.98
C ALA B 62 -6.53 -4.58 -1.87
N ARG B 63 -7.70 -5.20 -1.93
CA ARG B 63 -8.72 -4.98 -0.90
C ARG B 63 -8.27 -5.54 0.45
N GLN B 64 -7.68 -6.73 0.44
CA GLN B 64 -7.17 -7.34 1.66
C GLN B 64 -6.05 -6.49 2.25
N ILE B 65 -5.13 -6.05 1.40
CA ILE B 65 -4.02 -5.22 1.83
C ILE B 65 -4.51 -3.87 2.33
N ALA B 66 -5.55 -3.34 1.69
CA ALA B 66 -6.14 -2.07 2.11
C ALA B 66 -6.85 -2.22 3.46
N ALA B 67 -7.39 -3.40 3.70
CA ALA B 67 -8.04 -3.69 4.97
C ALA B 67 -7.02 -3.69 6.09
N ILE B 68 -5.85 -4.28 5.81
CA ILE B 68 -4.74 -4.28 6.77
C ILE B 68 -4.21 -2.89 6.99
N LEU B 69 -3.89 -2.21 5.88
CA LEU B 69 -3.31 -0.87 5.94
C LEU B 69 -4.26 0.13 6.58
N GLY B 70 -5.54 0.03 6.23
CA GLY B 70 -6.55 0.93 6.75
C GLY B 70 -6.86 0.73 8.23
N GLY B 71 -6.46 -0.41 8.76
CA GLY B 71 -6.69 -0.72 10.15
C GLY B 71 -8.15 -1.02 10.45
#